data_6B8U
#
_entry.id   6B8U
#
_cell.length_a   93.502
_cell.length_b   93.502
_cell.length_c   164.703
_cell.angle_alpha   90.00
_cell.angle_beta   90.00
_cell.angle_gamma   90.00
#
_symmetry.space_group_name_H-M   'P 41 21 2'
#
loop_
_entity.id
_entity.type
_entity.pdbx_description
1 polymer 'Serine/threonine-protein kinase B-raf'
2 non-polymer ~{N}-[3-(2-acetamidoimidazo[1,2-a]pyridin-6-yl)-4-methyl-phenyl]-3-(trifluoromethyl)benzamide
3 water water
#
_entity_poly.entity_id   1
_entity_poly.type   'polypeptide(L)'
_entity_poly.pdbx_seq_one_letter_code
;GSDSSDDWEIPDGQITVGQRIGSGSFGTVYKGKWHGDVAVKMLNVTAPTPQQLQAFKNEVGVLRKTRHVNILLFMGYSTK
PQLAIVTQWCEGSSLYHHLHIIETKFEMIKLIDIARQTAQGMDYLHAKSIIHRDLKSNNIFLHEDLTVKIGDFGLATVKS
RWSGSHQFEQLSGSILWMAPEVIRMQDKNPYSFQSDVYAFGIVLYELMTGQLPYSNINNRDQIIFMVGRGYLSPDLSKVR
SNCPKAMKRLMAECLKKKRDERPLFPQILASIELLARSLPK
;
_entity_poly.pdbx_strand_id   A,B
#
# COMPACT_ATOMS: atom_id res chain seq x y z
N ASP A 7 3.96 -17.45 3.84
CA ASP A 7 3.25 -17.28 5.10
C ASP A 7 3.64 -15.95 5.73
N TRP A 8 2.73 -15.41 6.57
CA TRP A 8 2.86 -14.13 7.24
C TRP A 8 3.50 -14.22 8.61
N GLU A 9 3.92 -15.42 9.05
CA GLU A 9 4.67 -15.45 10.30
C GLU A 9 6.05 -14.90 10.01
N ILE A 10 6.41 -13.82 10.71
CA ILE A 10 7.70 -13.15 10.55
C ILE A 10 8.78 -13.97 11.29
N PRO A 11 9.93 -14.28 10.64
CA PRO A 11 10.99 -15.02 11.36
C PRO A 11 11.37 -14.34 12.68
N ASP A 12 11.56 -15.14 13.74
CA ASP A 12 11.88 -14.65 15.09
C ASP A 12 13.15 -13.79 15.13
N GLY A 13 13.07 -12.70 15.91
CA GLY A 13 14.15 -11.74 16.07
C GLY A 13 14.49 -10.86 14.89
N GLN A 14 13.49 -10.52 14.04
CA GLN A 14 13.71 -9.63 12.89
C GLN A 14 13.11 -8.24 13.15
N ILE A 15 11.98 -8.21 13.88
CA ILE A 15 11.31 -6.96 14.24
C ILE A 15 12.10 -6.26 15.34
N THR A 16 12.27 -4.96 15.16
CA THR A 16 12.93 -4.02 16.07
C THR A 16 11.85 -3.02 16.39
N VAL A 17 11.62 -2.72 17.67
CA VAL A 17 10.63 -1.70 17.97
C VAL A 17 11.36 -0.48 18.52
N GLY A 18 10.96 0.69 18.04
CA GLY A 18 11.55 1.95 18.43
C GLY A 18 10.60 2.68 19.36
N GLN A 19 10.24 3.89 18.96
CA GLN A 19 9.34 4.78 19.70
C GLN A 19 7.99 4.12 19.99
N ARG A 20 7.46 4.32 21.20
CA ARG A 20 6.12 3.86 21.58
C ARG A 20 5.20 4.98 21.06
N ILE A 21 4.23 4.69 20.18
CA ILE A 21 3.37 5.75 19.62
C ILE A 21 1.90 5.64 20.05
N GLY A 22 1.60 4.69 20.94
CA GLY A 22 0.25 4.46 21.42
C GLY A 22 0.24 3.35 22.43
N SER A 23 -0.56 3.51 23.47
CA SER A 23 -0.63 2.58 24.58
C SER A 23 -2.04 2.58 25.13
N GLY A 24 -2.55 1.39 25.37
CA GLY A 24 -3.88 1.19 25.90
C GLY A 24 -3.94 -0.11 26.68
N SER A 25 -5.15 -0.74 26.70
CA SER A 25 -5.34 -2.00 27.39
C SER A 25 -5.46 -3.19 26.43
N PHE A 26 -5.89 -2.95 25.16
CA PHE A 26 -5.92 -3.98 24.09
C PHE A 26 -4.50 -4.18 23.48
N GLY A 27 -3.51 -3.42 23.98
CA GLY A 27 -2.10 -3.47 23.57
C GLY A 27 -1.31 -2.17 23.47
N THR A 28 -0.09 -2.26 22.94
CA THR A 28 0.83 -1.15 22.73
C THR A 28 1.24 -1.11 21.27
N VAL A 29 1.28 0.09 20.70
CA VAL A 29 1.70 0.33 19.32
C VAL A 29 3.01 1.09 19.33
N TYR A 30 4.00 0.52 18.63
CA TYR A 30 5.31 1.11 18.47
C TYR A 30 5.62 1.32 16.99
N LYS A 31 6.44 2.34 16.70
CA LYS A 31 6.97 2.54 15.38
C LYS A 31 8.19 1.59 15.40
N GLY A 32 8.21 0.61 14.51
CA GLY A 32 9.28 -0.36 14.43
C GLY A 32 10.00 -0.38 13.10
N LYS A 33 10.90 -1.32 12.98
CA LYS A 33 11.71 -1.54 11.79
C LYS A 33 11.67 -3.01 11.40
N TRP A 34 11.22 -3.27 10.17
CA TRP A 34 11.16 -4.59 9.58
C TRP A 34 11.00 -4.37 8.08
N HIS A 35 12.15 -4.27 7.38
CA HIS A 35 12.28 -3.96 5.95
C HIS A 35 11.71 -2.54 5.72
N GLY A 36 12.21 -1.61 6.53
CA GLY A 36 11.80 -0.23 6.58
C GLY A 36 10.87 0.01 7.76
N ASP A 37 10.31 1.22 7.83
CA ASP A 37 9.36 1.65 8.85
C ASP A 37 8.11 0.80 8.80
N VAL A 38 7.68 0.31 9.96
CA VAL A 38 6.44 -0.45 10.13
C VAL A 38 5.78 0.02 11.42
N ALA A 39 4.54 -0.39 11.65
CA ALA A 39 3.80 -0.13 12.88
C ALA A 39 3.66 -1.51 13.47
N VAL A 40 4.02 -1.67 14.75
CA VAL A 40 3.99 -2.97 15.45
C VAL A 40 2.97 -2.88 16.61
N LYS A 41 1.94 -3.74 16.62
CA LYS A 41 0.98 -3.77 17.73
C LYS A 41 1.29 -5.02 18.52
N MET A 42 1.55 -4.85 19.82
CA MET A 42 1.89 -5.94 20.71
C MET A 42 0.93 -6.02 21.87
N LEU A 43 0.72 -7.24 22.41
CA LEU A 43 -0.05 -7.49 23.65
C LEU A 43 1.06 -7.44 24.74
N ASN A 44 0.94 -6.45 25.67
CA ASN A 44 1.90 -6.15 26.74
C ASN A 44 2.36 -7.36 27.58
N VAL A 45 1.43 -8.29 27.91
CA VAL A 45 1.70 -9.50 28.73
C VAL A 45 2.66 -10.49 28.03
N THR A 46 3.65 -11.00 28.78
CA THR A 46 4.65 -11.98 28.30
C THR A 46 3.97 -13.34 28.01
N ALA A 47 2.99 -13.71 28.86
CA ALA A 47 2.17 -14.92 28.73
C ALA A 47 0.67 -14.54 28.64
N PRO A 48 -0.03 -14.85 27.51
CA PRO A 48 -1.42 -14.41 27.37
C PRO A 48 -2.53 -15.42 27.74
N THR A 49 -3.73 -14.87 27.98
CA THR A 49 -5.00 -15.54 28.28
C THR A 49 -5.43 -16.30 27.00
N PRO A 50 -6.14 -17.47 27.06
CA PRO A 50 -6.58 -18.13 25.81
C PRO A 50 -7.56 -17.26 24.99
N GLN A 51 -8.21 -16.29 25.64
CA GLN A 51 -9.12 -15.34 25.01
C GLN A 51 -8.30 -14.31 24.22
N GLN A 52 -7.09 -13.96 24.74
CA GLN A 52 -6.17 -13.01 24.10
C GLN A 52 -5.55 -13.63 22.84
N LEU A 53 -5.12 -14.92 22.93
CA LEU A 53 -4.56 -15.71 21.83
C LEU A 53 -5.59 -15.83 20.68
N GLN A 54 -6.88 -16.03 21.06
CA GLN A 54 -8.00 -16.13 20.13
C GLN A 54 -8.28 -14.82 19.41
N ALA A 55 -8.25 -13.69 20.14
CA ALA A 55 -8.46 -12.35 19.60
C ALA A 55 -7.34 -12.00 18.62
N PHE A 56 -6.12 -12.46 18.91
CA PHE A 56 -4.96 -12.25 18.06
C PHE A 56 -5.18 -13.03 16.76
N LYS A 57 -5.49 -14.34 16.88
CA LYS A 57 -5.76 -15.22 15.74
C LYS A 57 -6.89 -14.68 14.87
N ASN A 58 -7.99 -14.21 15.48
CA ASN A 58 -9.13 -13.62 14.76
C ASN A 58 -8.76 -12.36 14.00
N GLU A 59 -7.93 -11.49 14.61
CA GLU A 59 -7.47 -10.24 13.98
C GLU A 59 -6.57 -10.51 12.78
N VAL A 60 -5.69 -11.54 12.88
CA VAL A 60 -4.81 -11.95 11.78
C VAL A 60 -5.68 -12.60 10.67
N GLY A 61 -6.73 -13.31 11.06
CA GLY A 61 -7.65 -13.97 10.14
C GLY A 61 -8.37 -13.00 9.20
N VAL A 62 -8.71 -11.80 9.73
CA VAL A 62 -9.40 -10.74 9.02
C VAL A 62 -8.40 -10.02 8.15
N LEU A 63 -7.26 -9.61 8.76
CA LEU A 63 -6.20 -8.83 8.13
C LEU A 63 -5.56 -9.53 6.92
N ARG A 64 -5.28 -10.83 7.01
CA ARG A 64 -4.64 -11.63 5.94
C ARG A 64 -5.54 -11.80 4.70
N LYS A 65 -6.84 -11.45 4.84
CA LYS A 65 -7.87 -11.52 3.81
C LYS A 65 -7.89 -10.23 2.97
N THR A 66 -7.18 -9.17 3.41
CA THR A 66 -7.23 -7.83 2.80
C THR A 66 -6.00 -7.42 1.99
N ARG A 67 -6.25 -7.01 0.74
CA ARG A 67 -5.22 -6.54 -0.22
C ARG A 67 -5.89 -5.50 -1.10
N HIS A 68 -5.91 -4.27 -0.62
CA HIS A 68 -6.55 -3.16 -1.30
C HIS A 68 -5.90 -1.87 -0.83
N VAL A 69 -5.69 -0.97 -1.78
CA VAL A 69 -5.02 0.31 -1.57
C VAL A 69 -5.70 1.22 -0.49
N ASN A 70 -6.96 0.98 -0.16
CA ASN A 70 -7.68 1.78 0.83
C ASN A 70 -7.82 1.06 2.17
N ILE A 71 -7.00 0.02 2.37
CA ILE A 71 -6.94 -0.75 3.62
C ILE A 71 -5.53 -0.69 4.13
N LEU A 72 -5.37 -0.39 5.41
CA LEU A 72 -4.07 -0.39 6.06
C LEU A 72 -3.40 -1.71 5.71
N LEU A 73 -2.16 -1.66 5.19
CA LEU A 73 -1.48 -2.86 4.76
C LEU A 73 -0.98 -3.76 5.89
N PHE A 74 -1.64 -4.94 6.05
CA PHE A 74 -1.15 -5.98 6.97
C PHE A 74 0.16 -6.52 6.35
N MET A 75 1.21 -6.70 7.18
CA MET A 75 2.50 -7.21 6.69
C MET A 75 2.90 -8.57 7.26
N GLY A 76 2.45 -8.87 8.47
CA GLY A 76 2.75 -10.14 9.11
C GLY A 76 2.51 -10.13 10.61
N TYR A 77 2.84 -11.23 11.27
CA TYR A 77 2.68 -11.39 12.69
C TYR A 77 3.85 -12.19 13.28
N SER A 78 4.07 -12.02 14.57
CA SER A 78 5.04 -12.77 15.35
C SER A 78 4.37 -13.25 16.65
N THR A 79 4.87 -14.36 17.19
CA THR A 79 4.36 -14.94 18.44
C THR A 79 5.48 -15.05 19.47
N LYS A 80 6.72 -14.79 19.04
CA LYS A 80 7.94 -14.93 19.84
C LYS A 80 8.81 -13.65 19.67
N PRO A 81 9.19 -12.92 20.76
CA PRO A 81 8.88 -13.19 22.19
C PRO A 81 7.45 -12.92 22.59
N GLN A 82 6.78 -11.98 21.92
CA GLN A 82 5.40 -11.59 22.22
C GLN A 82 4.53 -11.61 20.98
N LEU A 83 3.21 -11.69 21.20
CA LEU A 83 2.19 -11.65 20.15
C LEU A 83 2.23 -10.27 19.52
N ALA A 84 2.56 -10.19 18.21
CA ALA A 84 2.69 -8.92 17.49
C ALA A 84 2.09 -8.97 16.10
N ILE A 85 1.36 -7.89 15.72
CA ILE A 85 0.80 -7.69 14.39
C ILE A 85 1.53 -6.50 13.78
N VAL A 86 2.11 -6.70 12.57
CA VAL A 86 2.89 -5.70 11.83
C VAL A 86 2.09 -5.19 10.62
N THR A 87 2.01 -3.87 10.48
CA THR A 87 1.39 -3.23 9.32
C THR A 87 2.37 -2.19 8.80
N GLN A 88 2.04 -1.59 7.65
CA GLN A 88 2.82 -0.50 7.07
C GLN A 88 2.83 0.70 8.04
N TRP A 89 3.79 1.61 7.82
CA TRP A 89 3.89 2.84 8.58
C TRP A 89 3.43 3.95 7.65
N CYS A 90 2.34 4.64 8.02
CA CYS A 90 1.77 5.69 7.19
C CYS A 90 2.41 7.06 7.40
N GLU A 91 2.30 7.93 6.38
CA GLU A 91 2.77 9.30 6.46
C GLU A 91 1.57 10.26 6.45
N GLY A 92 1.48 11.08 7.48
CA GLY A 92 0.41 12.06 7.64
C GLY A 92 -0.31 11.91 8.95
N SER A 93 -1.64 12.12 8.92
CA SER A 93 -2.47 11.98 10.10
C SER A 93 -3.84 11.46 9.73
N SER A 94 -4.63 11.08 10.76
CA SER A 94 -5.98 10.57 10.58
C SER A 94 -6.86 11.68 10.01
N LEU A 95 -8.03 11.32 9.49
CA LEU A 95 -9.01 12.28 8.99
C LEU A 95 -9.54 13.12 10.19
N TYR A 96 -9.68 12.47 11.37
CA TYR A 96 -10.08 13.11 12.62
C TYR A 96 -9.14 14.27 12.96
N HIS A 97 -7.83 14.03 12.89
CA HIS A 97 -6.78 15.03 13.13
C HIS A 97 -6.92 16.22 12.18
N HIS A 98 -7.05 15.95 10.88
CA HIS A 98 -7.24 16.95 9.83
C HIS A 98 -8.47 17.80 10.09
N LEU A 99 -9.63 17.18 10.21
CA LEU A 99 -10.91 17.87 10.39
C LEU A 99 -11.13 18.56 11.74
N HIS A 100 -10.75 17.90 12.86
CA HIS A 100 -11.08 18.38 14.20
C HIS A 100 -9.93 18.94 15.02
N ILE A 101 -8.67 18.61 14.70
CA ILE A 101 -7.59 19.15 15.52
C ILE A 101 -6.79 20.21 14.76
N ILE A 102 -6.28 19.89 13.56
CA ILE A 102 -5.47 20.89 12.84
C ILE A 102 -6.32 21.70 11.88
N GLU A 103 -7.64 21.43 11.83
CA GLU A 103 -8.66 22.11 11.02
C GLU A 103 -8.20 22.38 9.57
N THR A 104 -7.78 21.30 8.85
CA THR A 104 -7.37 21.37 7.45
C THR A 104 -8.59 21.74 6.63
N LYS A 105 -8.50 22.78 5.81
CA LYS A 105 -9.62 23.21 4.99
C LYS A 105 -9.42 22.63 3.58
N PHE A 106 -9.94 21.40 3.37
CA PHE A 106 -9.85 20.72 2.06
C PHE A 106 -10.89 21.29 1.14
N GLU A 107 -10.58 21.37 -0.15
CA GLU A 107 -11.53 21.77 -1.19
C GLU A 107 -12.61 20.66 -1.34
N MET A 108 -13.82 21.03 -1.77
CA MET A 108 -14.95 20.13 -1.98
C MET A 108 -14.61 18.89 -2.86
N ILE A 109 -13.84 19.08 -3.95
CA ILE A 109 -13.42 17.97 -4.82
C ILE A 109 -12.60 16.92 -4.01
N LYS A 110 -11.73 17.39 -3.11
CA LYS A 110 -10.88 16.57 -2.25
C LYS A 110 -11.70 15.85 -1.20
N LEU A 111 -12.72 16.53 -0.61
CA LEU A 111 -13.63 15.95 0.39
C LEU A 111 -14.43 14.80 -0.21
N ILE A 112 -14.99 15.01 -1.42
CA ILE A 112 -15.75 14.00 -2.17
C ILE A 112 -14.84 12.83 -2.49
N ASP A 113 -13.55 13.11 -2.77
CA ASP A 113 -12.55 12.07 -3.02
C ASP A 113 -12.27 11.21 -1.79
N ILE A 114 -12.16 11.85 -0.60
CA ILE A 114 -11.92 11.14 0.67
C ILE A 114 -13.11 10.24 0.91
N ALA A 115 -14.34 10.75 0.64
CA ALA A 115 -15.60 10.02 0.78
C ALA A 115 -15.62 8.80 -0.14
N ARG A 116 -15.26 8.99 -1.42
CA ARG A 116 -15.21 7.93 -2.42
C ARG A 116 -14.22 6.85 -2.01
N GLN A 117 -13.03 7.26 -1.56
CA GLN A 117 -12.01 6.29 -1.18
C GLN A 117 -12.40 5.48 0.05
N THR A 118 -13.08 6.12 1.03
CA THR A 118 -13.57 5.45 2.22
C THR A 118 -14.67 4.43 1.83
N ALA A 119 -15.60 4.83 0.94
CA ALA A 119 -16.66 3.97 0.42
C ALA A 119 -16.04 2.79 -0.38
N GLN A 120 -14.93 3.07 -1.08
CA GLN A 120 -14.16 2.07 -1.83
C GLN A 120 -13.61 0.98 -0.92
N GLY A 121 -12.99 1.36 0.22
CA GLY A 121 -12.43 0.41 1.17
C GLY A 121 -13.52 -0.33 1.91
N MET A 122 -14.63 0.38 2.22
CA MET A 122 -15.74 -0.23 2.93
C MET A 122 -16.45 -1.27 2.06
N ASP A 123 -16.64 -0.96 0.78
CA ASP A 123 -17.16 -1.88 -0.21
C ASP A 123 -16.23 -3.13 -0.31
N TYR A 124 -14.89 -2.94 -0.33
CA TYR A 124 -13.92 -4.05 -0.36
C TYR A 124 -14.12 -4.96 0.87
N LEU A 125 -14.11 -4.37 2.09
CA LEU A 125 -14.32 -5.12 3.34
C LEU A 125 -15.63 -5.89 3.31
N HIS A 126 -16.73 -5.25 2.91
CA HIS A 126 -18.05 -5.89 2.90
C HIS A 126 -18.13 -7.05 1.91
N ALA A 127 -17.45 -6.92 0.76
CA ALA A 127 -17.35 -7.96 -0.27
C ALA A 127 -16.61 -9.19 0.28
N LYS A 128 -15.62 -8.98 1.17
CA LYS A 128 -14.84 -10.05 1.82
C LYS A 128 -15.58 -10.53 3.08
N SER A 129 -16.81 -10.04 3.29
CA SER A 129 -17.69 -10.34 4.44
C SER A 129 -17.08 -9.88 5.80
N ILE A 130 -16.35 -8.74 5.78
CA ILE A 130 -15.75 -8.14 6.96
C ILE A 130 -16.62 -6.96 7.40
N ILE A 131 -17.21 -7.03 8.61
CA ILE A 131 -17.93 -5.90 9.21
C ILE A 131 -16.85 -5.21 10.06
N HIS A 132 -16.55 -3.91 9.78
CA HIS A 132 -15.53 -3.14 10.51
C HIS A 132 -15.85 -3.10 12.01
N ARG A 133 -17.08 -2.64 12.35
CA ARG A 133 -17.64 -2.50 13.70
C ARG A 133 -17.15 -1.25 14.45
N ASP A 134 -16.18 -0.51 13.87
CA ASP A 134 -15.71 0.71 14.53
C ASP A 134 -15.18 1.76 13.53
N LEU A 135 -15.89 1.94 12.41
CA LEU A 135 -15.51 2.97 11.44
C LEU A 135 -15.81 4.34 12.06
N LYS A 136 -14.84 5.24 11.95
CA LYS A 136 -14.86 6.61 12.43
C LYS A 136 -13.70 7.31 11.77
N SER A 137 -13.67 8.63 11.79
CA SER A 137 -12.61 9.39 11.14
C SER A 137 -11.21 9.16 11.72
N ASN A 138 -11.10 8.65 12.96
CA ASN A 138 -9.81 8.36 13.60
C ASN A 138 -9.20 7.09 12.97
N ASN A 139 -10.07 6.24 12.43
CA ASN A 139 -9.68 4.98 11.80
C ASN A 139 -9.48 5.13 10.31
N ILE A 140 -9.50 6.37 9.82
CA ILE A 140 -9.29 6.70 8.41
C ILE A 140 -8.02 7.51 8.32
N PHE A 141 -6.94 6.87 7.87
CA PHE A 141 -5.66 7.56 7.76
C PHE A 141 -5.50 8.17 6.36
N LEU A 142 -5.03 9.43 6.29
CA LEU A 142 -4.82 10.10 5.01
C LEU A 142 -3.33 10.03 4.65
N HIS A 143 -2.94 8.85 4.14
CA HIS A 143 -1.58 8.53 3.75
C HIS A 143 -1.06 9.43 2.64
N GLU A 144 0.05 10.16 2.94
CA GLU A 144 0.73 11.13 2.06
C GLU A 144 -0.19 12.32 1.77
N ASP A 145 -1.30 12.45 2.53
CA ASP A 145 -2.35 13.47 2.40
C ASP A 145 -3.11 13.25 1.08
N LEU A 146 -3.18 11.98 0.64
CA LEU A 146 -3.78 11.62 -0.65
C LEU A 146 -4.64 10.40 -0.62
N THR A 147 -4.17 9.31 0.04
CA THR A 147 -4.85 8.02 0.03
C THR A 147 -5.38 7.63 1.36
N VAL A 148 -6.68 7.31 1.38
CA VAL A 148 -7.38 6.81 2.54
C VAL A 148 -6.87 5.37 2.80
N LYS A 149 -6.50 5.10 4.06
CA LYS A 149 -6.13 3.79 4.52
C LYS A 149 -7.06 3.52 5.72
N ILE A 150 -7.99 2.60 5.58
CA ILE A 150 -8.90 2.21 6.68
C ILE A 150 -8.21 1.10 7.49
N GLY A 151 -8.35 1.16 8.81
CA GLY A 151 -7.87 0.13 9.73
C GLY A 151 -8.59 0.31 11.04
N ASP A 152 -8.07 -0.26 12.08
CA ASP A 152 -8.58 -0.04 13.43
C ASP A 152 -7.34 0.31 14.21
N PHE A 153 -7.09 1.63 14.33
CA PHE A 153 -5.92 2.23 14.95
C PHE A 153 -6.02 2.32 16.51
N GLY A 154 -7.16 1.91 17.08
CA GLY A 154 -7.43 1.98 18.51
C GLY A 154 -6.84 0.89 19.39
N LEU A 155 -6.81 1.13 20.72
CA LEU A 155 -6.26 0.22 21.72
C LEU A 155 -7.18 0.00 22.96
N ALA A 156 -8.45 0.47 22.89
CA ALA A 156 -9.43 0.35 23.98
C ALA A 156 -10.43 -0.77 23.70
N GLY A 173 -15.74 3.71 24.87
CA GLY A 173 -15.69 3.77 23.41
C GLY A 173 -16.01 5.11 22.76
N SER A 174 -16.43 5.04 21.46
CA SER A 174 -16.77 6.11 20.52
C SER A 174 -18.19 5.93 19.94
N ILE A 175 -19.14 6.51 20.68
CA ILE A 175 -20.57 6.45 20.47
C ILE A 175 -21.12 7.39 19.34
N LEU A 176 -20.32 8.36 18.82
CA LEU A 176 -20.79 9.30 17.78
C LEU A 176 -21.07 8.64 16.44
N TRP A 177 -20.41 7.50 16.17
CA TRP A 177 -20.54 6.81 14.89
C TRP A 177 -21.46 5.61 15.01
N MET A 178 -21.98 5.39 16.23
CA MET A 178 -22.88 4.28 16.59
C MET A 178 -24.32 4.46 16.15
N ALA A 179 -24.78 3.50 15.32
CA ALA A 179 -26.13 3.43 14.80
C ALA A 179 -27.10 3.22 15.97
N PRO A 180 -28.33 3.77 15.90
CA PRO A 180 -29.29 3.59 17.01
C PRO A 180 -29.45 2.16 17.57
N GLU A 181 -29.48 1.11 16.70
CA GLU A 181 -29.59 -0.29 17.11
C GLU A 181 -28.30 -0.86 17.72
N VAL A 182 -27.15 -0.21 17.47
CA VAL A 182 -25.91 -0.65 18.09
C VAL A 182 -25.91 -0.03 19.49
N ILE A 183 -26.43 1.20 19.61
CA ILE A 183 -26.53 1.91 20.90
C ILE A 183 -27.53 1.17 21.84
N ARG A 184 -28.63 0.59 21.27
CA ARG A 184 -29.62 -0.21 21.98
C ARG A 184 -28.97 -1.55 22.50
N MET A 185 -29.24 -2.70 21.80
CA MET A 185 -28.75 -4.09 22.01
C MET A 185 -29.86 -5.11 21.81
N ASN A 189 -26.22 -9.79 18.52
CA ASN A 189 -25.29 -8.96 17.75
C ASN A 189 -26.03 -7.92 16.86
N PRO A 190 -25.90 -6.60 17.15
CA PRO A 190 -26.59 -5.59 16.34
C PRO A 190 -25.74 -5.00 15.21
N TYR A 191 -24.54 -5.56 14.97
CA TYR A 191 -23.60 -5.14 13.93
C TYR A 191 -23.96 -5.80 12.59
N SER A 192 -23.89 -5.01 11.52
CA SER A 192 -24.20 -5.42 10.16
C SER A 192 -23.52 -4.48 9.17
N PHE A 193 -23.69 -4.77 7.89
CA PHE A 193 -23.20 -3.92 6.83
C PHE A 193 -23.82 -2.55 6.96
N GLN A 194 -25.12 -2.50 7.35
CA GLN A 194 -25.91 -1.28 7.55
C GLN A 194 -25.44 -0.44 8.73
N SER A 195 -24.97 -1.07 9.83
CA SER A 195 -24.43 -0.30 10.96
C SER A 195 -23.11 0.37 10.58
N ASP A 196 -22.32 -0.24 9.66
CA ASP A 196 -21.07 0.36 9.13
C ASP A 196 -21.41 1.57 8.25
N VAL A 197 -22.48 1.42 7.43
CA VAL A 197 -23.05 2.48 6.58
C VAL A 197 -23.44 3.71 7.44
N TYR A 198 -24.08 3.48 8.61
CA TYR A 198 -24.43 4.60 9.50
C TYR A 198 -23.16 5.35 9.91
N ALA A 199 -22.12 4.63 10.40
CA ALA A 199 -20.83 5.23 10.77
C ALA A 199 -20.23 5.99 9.57
N PHE A 200 -20.38 5.47 8.33
CA PHE A 200 -19.93 6.13 7.10
C PHE A 200 -20.71 7.47 6.88
N GLY A 201 -22.01 7.49 7.23
CA GLY A 201 -22.86 8.67 7.14
C GLY A 201 -22.34 9.76 8.06
N ILE A 202 -21.89 9.37 9.28
CA ILE A 202 -21.31 10.30 10.26
C ILE A 202 -20.01 10.88 9.73
N VAL A 203 -19.22 10.05 9.01
CA VAL A 203 -17.96 10.47 8.40
C VAL A 203 -18.26 11.50 7.32
N LEU A 204 -19.31 11.28 6.50
CA LEU A 204 -19.75 12.24 5.49
C LEU A 204 -20.15 13.53 6.18
N TYR A 205 -20.85 13.41 7.32
CA TYR A 205 -21.26 14.56 8.12
C TYR A 205 -20.00 15.38 8.54
N GLU A 206 -18.97 14.69 9.06
CA GLU A 206 -17.70 15.28 9.47
C GLU A 206 -17.01 15.99 8.30
N LEU A 207 -16.98 15.36 7.13
CA LEU A 207 -16.34 15.91 5.92
C LEU A 207 -17.06 17.17 5.44
N MET A 208 -18.39 17.11 5.36
CA MET A 208 -19.23 18.20 4.86
C MET A 208 -19.50 19.35 5.84
N THR A 209 -19.22 19.18 7.15
CA THR A 209 -19.45 20.22 8.15
C THR A 209 -18.16 20.63 8.85
N GLY A 210 -17.16 19.73 8.83
CA GLY A 210 -15.86 19.92 9.48
C GLY A 210 -15.94 19.70 10.98
N GLN A 211 -17.12 19.32 11.44
CA GLN A 211 -17.45 19.17 12.85
C GLN A 211 -17.88 17.78 13.21
N LEU A 212 -17.89 17.49 14.52
CA LEU A 212 -18.42 16.24 15.05
C LEU A 212 -19.91 16.48 15.33
N PRO A 213 -20.78 15.45 15.22
CA PRO A 213 -22.19 15.67 15.52
C PRO A 213 -22.42 15.88 17.02
N TYR A 214 -23.52 16.57 17.38
CA TYR A 214 -23.98 16.80 18.74
C TYR A 214 -23.01 17.62 19.60
N SER A 215 -22.30 18.55 18.94
CA SER A 215 -21.30 19.41 19.59
C SER A 215 -21.90 20.34 20.67
N ASN A 216 -23.24 20.57 20.62
CA ASN A 216 -23.94 21.43 21.58
C ASN A 216 -24.48 20.66 22.79
N ILE A 217 -24.17 19.36 22.89
CA ILE A 217 -24.56 18.50 24.01
C ILE A 217 -23.29 18.08 24.73
N ASN A 218 -23.20 18.39 26.02
CA ASN A 218 -22.03 18.06 26.85
C ASN A 218 -22.22 16.79 27.72
N ASN A 219 -23.28 16.01 27.47
CA ASN A 219 -23.57 14.83 28.27
C ASN A 219 -23.57 13.57 27.44
N ARG A 220 -22.57 12.70 27.70
CA ARG A 220 -22.36 11.43 27.00
C ARG A 220 -23.57 10.50 27.08
N ASP A 221 -24.07 10.23 28.30
CA ASP A 221 -25.21 9.35 28.55
C ASP A 221 -26.44 9.82 27.85
N GLN A 222 -26.66 11.14 27.83
CA GLN A 222 -27.81 11.75 27.17
C GLN A 222 -27.74 11.59 25.66
N ILE A 223 -26.54 11.70 25.06
CA ILE A 223 -26.38 11.48 23.62
C ILE A 223 -26.74 10.01 23.31
N ILE A 224 -26.20 9.06 24.09
CA ILE A 224 -26.44 7.63 23.97
C ILE A 224 -27.92 7.33 24.03
N PHE A 225 -28.59 7.84 25.08
CA PHE A 225 -30.01 7.66 25.25
C PHE A 225 -30.85 8.21 24.09
N MET A 226 -30.56 9.44 23.64
CA MET A 226 -31.34 10.12 22.61
C MET A 226 -31.17 9.57 21.20
N VAL A 227 -29.93 9.21 20.80
CA VAL A 227 -29.68 8.62 19.49
C VAL A 227 -30.43 7.29 19.43
N GLY A 228 -30.26 6.46 20.47
CA GLY A 228 -30.91 5.17 20.64
C GLY A 228 -32.43 5.20 20.58
N ARG A 229 -33.06 6.27 21.15
CA ARG A 229 -34.52 6.43 21.10
C ARG A 229 -35.01 7.11 19.82
N GLY A 230 -34.09 7.64 19.02
CA GLY A 230 -34.39 8.34 17.78
C GLY A 230 -34.82 9.77 18.00
N TYR A 231 -34.48 10.34 19.15
CA TYR A 231 -34.84 11.71 19.53
C TYR A 231 -33.86 12.73 18.98
N LEU A 232 -32.61 12.31 18.86
CA LEU A 232 -31.49 13.11 18.43
C LEU A 232 -30.90 12.49 17.19
N SER A 233 -30.60 13.34 16.24
CA SER A 233 -30.09 12.93 14.94
C SER A 233 -29.11 14.02 14.48
N PRO A 234 -28.10 13.73 13.62
CA PRO A 234 -27.19 14.82 13.21
C PRO A 234 -27.92 15.95 12.45
N ASP A 235 -27.56 17.23 12.74
CA ASP A 235 -28.14 18.43 12.13
C ASP A 235 -27.57 18.68 10.73
N LEU A 236 -28.28 18.25 9.69
CA LEU A 236 -27.82 18.37 8.30
C LEU A 236 -27.79 19.79 7.75
N SER A 237 -28.51 20.73 8.39
CA SER A 237 -28.55 22.13 7.99
C SER A 237 -27.15 22.77 8.12
N LYS A 238 -26.22 22.07 8.79
CA LYS A 238 -24.85 22.50 9.04
C LYS A 238 -23.89 22.22 7.88
N VAL A 239 -24.32 21.43 6.89
CA VAL A 239 -23.44 21.08 5.76
C VAL A 239 -23.11 22.33 4.91
N ARG A 240 -21.82 22.44 4.51
CA ARG A 240 -21.25 23.51 3.66
C ARG A 240 -22.21 23.93 2.52
N SER A 241 -22.16 25.21 2.12
CA SER A 241 -23.01 25.74 1.03
C SER A 241 -22.71 25.06 -0.32
N ASN A 242 -21.42 24.77 -0.56
CA ASN A 242 -20.93 24.14 -1.79
C ASN A 242 -21.07 22.60 -1.79
N CYS A 243 -21.70 22.04 -0.74
CA CYS A 243 -21.94 20.61 -0.68
C CYS A 243 -23.07 20.24 -1.67
N PRO A 244 -22.77 19.38 -2.67
CA PRO A 244 -23.81 18.99 -3.64
C PRO A 244 -25.09 18.45 -3.02
N LYS A 245 -26.26 18.80 -3.64
CA LYS A 245 -27.59 18.38 -3.21
C LYS A 245 -27.63 16.84 -3.08
N ALA A 246 -27.01 16.14 -4.06
CA ALA A 246 -26.91 14.68 -4.09
C ALA A 246 -26.13 14.12 -2.90
N MET A 247 -25.08 14.85 -2.45
CA MET A 247 -24.28 14.43 -1.31
C MET A 247 -25.10 14.50 -0.02
N LYS A 248 -25.86 15.61 0.16
CA LYS A 248 -26.73 15.80 1.31
C LYS A 248 -27.77 14.68 1.40
N ARG A 249 -28.37 14.29 0.25
CA ARG A 249 -29.36 13.21 0.15
C ARG A 249 -28.73 11.88 0.60
N LEU A 250 -27.56 11.54 0.05
CA LEU A 250 -26.83 10.31 0.37
C LEU A 250 -26.55 10.19 1.87
N MET A 251 -26.12 11.31 2.48
CA MET A 251 -25.80 11.42 3.90
C MET A 251 -27.03 11.06 4.74
N ALA A 252 -28.19 11.67 4.41
CA ALA A 252 -29.48 11.45 5.09
C ALA A 252 -29.91 9.99 4.99
N GLU A 253 -29.69 9.38 3.81
CA GLU A 253 -30.01 7.98 3.50
C GLU A 253 -29.18 7.05 4.37
N CYS A 254 -27.85 7.30 4.48
CA CYS A 254 -26.92 6.53 5.32
C CYS A 254 -27.24 6.63 6.80
N LEU A 255 -27.81 7.77 7.23
CA LEU A 255 -28.10 8.04 8.63
C LEU A 255 -29.51 7.66 9.09
N LYS A 256 -30.27 6.97 8.22
CA LYS A 256 -31.62 6.51 8.50
C LYS A 256 -31.68 5.63 9.74
N LYS A 257 -32.54 5.97 10.72
CA LYS A 257 -32.70 5.25 11.99
C LYS A 257 -33.06 3.76 11.77
N LYS A 258 -33.84 3.46 10.70
CA LYS A 258 -34.21 2.09 10.32
C LYS A 258 -33.08 1.55 9.44
N ARG A 259 -32.35 0.55 9.94
CA ARG A 259 -31.18 0.00 9.27
C ARG A 259 -31.45 -0.59 7.89
N ASP A 260 -32.64 -1.15 7.67
CA ASP A 260 -33.02 -1.75 6.38
C ASP A 260 -33.25 -0.67 5.31
N GLU A 261 -33.49 0.58 5.74
CA GLU A 261 -33.71 1.75 4.90
C GLU A 261 -32.39 2.38 4.41
N ARG A 262 -31.24 1.88 4.91
CA ARG A 262 -29.92 2.40 4.59
C ARG A 262 -29.37 1.78 3.29
N PRO A 263 -28.74 2.59 2.39
CA PRO A 263 -28.15 2.00 1.18
C PRO A 263 -26.91 1.18 1.51
N LEU A 264 -26.54 0.22 0.65
CA LEU A 264 -25.32 -0.54 0.86
C LEU A 264 -24.18 0.10 0.09
N PHE A 265 -22.91 -0.29 0.39
CA PHE A 265 -21.73 0.36 -0.20
C PHE A 265 -21.69 0.30 -1.74
N PRO A 266 -22.12 -0.77 -2.46
CA PRO A 266 -22.15 -0.69 -3.95
C PRO A 266 -22.98 0.50 -4.47
N GLN A 267 -24.11 0.78 -3.79
CA GLN A 267 -25.01 1.87 -4.11
C GLN A 267 -24.41 3.18 -3.67
N ILE A 268 -23.83 3.23 -2.46
CA ILE A 268 -23.19 4.45 -1.94
C ILE A 268 -22.10 4.95 -2.90
N LEU A 269 -21.21 4.04 -3.29
CA LEU A 269 -20.09 4.26 -4.20
C LEU A 269 -20.56 4.73 -5.60
N ALA A 270 -21.62 4.16 -6.11
CA ALA A 270 -22.21 4.56 -7.38
C ALA A 270 -22.79 5.99 -7.27
N SER A 271 -23.39 6.35 -6.11
CA SER A 271 -23.93 7.69 -5.86
C SER A 271 -22.80 8.73 -5.80
N ILE A 272 -21.67 8.39 -5.09
CA ILE A 272 -20.51 9.27 -4.98
C ILE A 272 -19.84 9.49 -6.34
N GLU A 273 -19.64 8.41 -7.11
CA GLU A 273 -19.00 8.48 -8.43
C GLU A 273 -19.85 9.27 -9.45
N LEU A 274 -21.19 9.27 -9.31
CA LEU A 274 -22.09 10.01 -10.19
C LEU A 274 -22.00 11.52 -9.92
N LEU A 275 -22.12 11.94 -8.64
CA LEU A 275 -22.05 13.35 -8.26
C LEU A 275 -20.64 13.94 -8.48
N ALA A 276 -19.59 13.09 -8.48
CA ALA A 276 -18.20 13.50 -8.72
C ALA A 276 -18.02 14.05 -10.14
N ARG A 277 -18.88 13.61 -11.09
CA ARG A 277 -18.88 14.04 -12.49
C ARG A 277 -19.79 15.27 -12.63
N SER A 278 -19.52 16.36 -11.86
CA SER A 278 -20.31 17.60 -11.86
C SER A 278 -19.50 18.81 -11.37
N SER B 5 -6.16 -18.94 5.77
CA SER B 5 -6.76 -18.69 4.46
C SER B 5 -6.84 -17.18 4.06
N ASP B 6 -6.31 -16.85 2.86
CA ASP B 6 -6.24 -15.46 2.37
C ASP B 6 -7.36 -15.08 1.38
N ASP B 7 -7.87 -16.05 0.58
CA ASP B 7 -8.93 -15.88 -0.43
C ASP B 7 -8.44 -15.03 -1.59
N TRP B 8 -7.40 -15.52 -2.28
CA TRP B 8 -6.78 -14.82 -3.39
C TRP B 8 -7.60 -14.88 -4.66
N GLU B 9 -8.44 -15.91 -4.79
CA GLU B 9 -9.27 -16.07 -5.97
C GLU B 9 -10.40 -15.07 -5.97
N ILE B 10 -10.47 -14.27 -7.05
CA ILE B 10 -11.52 -13.26 -7.21
C ILE B 10 -12.81 -13.95 -7.69
N PRO B 11 -13.99 -13.66 -7.07
CA PRO B 11 -15.24 -14.28 -7.55
C PRO B 11 -15.45 -14.01 -9.05
N ASP B 12 -15.86 -15.06 -9.79
CA ASP B 12 -16.10 -15.02 -11.25
C ASP B 12 -17.05 -13.90 -11.69
N GLY B 13 -16.67 -13.24 -12.78
CA GLY B 13 -17.42 -12.13 -13.37
C GLY B 13 -17.46 -10.82 -12.61
N GLN B 14 -16.38 -10.50 -11.85
CA GLN B 14 -16.33 -9.25 -11.10
C GLN B 14 -15.36 -8.24 -11.77
N ILE B 15 -14.29 -8.77 -12.38
CA ILE B 15 -13.30 -7.97 -13.09
C ILE B 15 -13.89 -7.49 -14.42
N THR B 16 -13.65 -6.22 -14.71
CA THR B 16 -14.03 -5.49 -15.92
C THR B 16 -12.70 -5.01 -16.50
N VAL B 17 -12.46 -5.22 -17.81
CA VAL B 17 -11.25 -4.75 -18.49
C VAL B 17 -11.59 -3.56 -19.37
N GLY B 18 -10.65 -2.62 -19.46
CA GLY B 18 -10.73 -1.41 -20.27
C GLY B 18 -9.58 -1.37 -21.26
N GLN B 19 -8.90 -0.22 -21.38
CA GLN B 19 -7.78 -0.01 -22.30
C GLN B 19 -6.68 -1.05 -22.11
N ARG B 20 -6.09 -1.52 -23.23
CA ARG B 20 -4.95 -2.42 -23.25
C ARG B 20 -3.73 -1.50 -23.12
N ILE B 21 -2.86 -1.75 -22.15
CA ILE B 21 -1.71 -0.87 -21.93
C ILE B 21 -0.39 -1.50 -22.40
N GLY B 22 -0.36 -2.82 -22.54
CA GLY B 22 0.84 -3.50 -23.03
C GLY B 22 0.78 -5.02 -23.07
N SER B 23 1.97 -5.63 -22.91
CA SER B 23 2.24 -7.08 -22.93
C SER B 23 2.92 -7.46 -21.61
N GLY B 24 2.44 -8.54 -20.99
CA GLY B 24 2.97 -9.07 -19.74
C GLY B 24 3.95 -10.20 -19.99
N SER B 25 4.01 -11.16 -19.05
CA SER B 25 4.90 -12.33 -19.14
C SER B 25 4.25 -13.42 -20.02
N PHE B 26 3.02 -13.83 -19.65
CA PHE B 26 2.26 -14.88 -20.34
C PHE B 26 1.08 -14.31 -21.14
N GLY B 27 0.87 -12.99 -21.05
CA GLY B 27 -0.27 -12.37 -21.73
C GLY B 27 -0.25 -10.88 -22.03
N THR B 28 -1.44 -10.25 -21.91
CA THR B 28 -1.69 -8.84 -22.21
C THR B 28 -2.12 -8.09 -20.95
N VAL B 29 -1.62 -6.85 -20.77
CA VAL B 29 -1.95 -6.01 -19.63
C VAL B 29 -2.97 -4.92 -20.01
N TYR B 30 -4.05 -4.80 -19.21
CA TYR B 30 -5.13 -3.82 -19.36
C TYR B 30 -5.29 -3.05 -18.07
N LYS B 31 -5.92 -1.86 -18.19
CA LYS B 31 -6.40 -1.03 -17.09
C LYS B 31 -7.81 -1.61 -16.87
N GLY B 32 -8.13 -1.97 -15.65
CA GLY B 32 -9.42 -2.58 -15.38
C GLY B 32 -10.14 -1.96 -14.21
N LYS B 33 -11.19 -2.61 -13.77
CA LYS B 33 -11.99 -2.16 -12.65
C LYS B 33 -12.37 -3.37 -11.78
N TRP B 34 -12.00 -3.32 -10.52
CA TRP B 34 -12.31 -4.31 -9.51
C TRP B 34 -12.07 -3.65 -8.16
N HIS B 35 -13.14 -3.03 -7.60
CA HIS B 35 -13.12 -2.23 -6.38
C HIS B 35 -12.16 -1.04 -6.61
N GLY B 36 -12.43 -0.34 -7.70
CA GLY B 36 -11.64 0.79 -8.18
C GLY B 36 -10.71 0.38 -9.31
N ASP B 37 -9.83 1.30 -9.69
CA ASP B 37 -8.82 1.09 -10.73
C ASP B 37 -7.86 0.01 -10.32
N VAL B 38 -7.61 -0.92 -11.24
CA VAL B 38 -6.65 -2.02 -11.05
C VAL B 38 -5.90 -2.19 -12.38
N ALA B 39 -4.86 -2.98 -12.36
CA ALA B 39 -4.11 -3.37 -13.54
C ALA B 39 -4.41 -4.87 -13.64
N VAL B 40 -4.80 -5.31 -14.84
CA VAL B 40 -5.17 -6.72 -15.08
C VAL B 40 -4.24 -7.33 -16.11
N LYS B 41 -3.54 -8.40 -15.77
CA LYS B 41 -2.70 -9.13 -16.74
C LYS B 41 -3.44 -10.42 -17.08
N MET B 42 -3.99 -10.51 -18.30
CA MET B 42 -4.79 -11.66 -18.73
C MET B 42 -4.00 -12.64 -19.56
N ALA B 47 -8.54 -21.26 -24.17
CA ALA B 47 -8.00 -22.50 -23.60
C ALA B 47 -6.45 -22.50 -23.61
N PRO B 48 -5.78 -22.54 -22.43
CA PRO B 48 -4.31 -22.44 -22.41
C PRO B 48 -3.52 -23.75 -22.40
N THR B 49 -2.24 -23.63 -22.79
CA THR B 49 -1.19 -24.66 -22.83
C THR B 49 -0.88 -25.05 -21.37
N PRO B 50 -0.48 -26.31 -21.04
CA PRO B 50 -0.14 -26.62 -19.64
C PRO B 50 1.09 -25.83 -19.15
N GLN B 51 1.92 -25.32 -20.08
CA GLN B 51 3.08 -24.48 -19.79
C GLN B 51 2.61 -23.08 -19.40
N GLN B 52 1.49 -22.61 -20.00
CA GLN B 52 0.88 -21.31 -19.73
C GLN B 52 0.24 -21.29 -18.33
N LEU B 53 -0.51 -22.38 -18.00
CA LEU B 53 -1.16 -22.60 -16.71
C LEU B 53 -0.11 -22.61 -15.59
N GLN B 54 1.05 -23.26 -15.87
CA GLN B 54 2.17 -23.36 -14.94
C GLN B 54 2.84 -22.02 -14.68
N ALA B 55 3.05 -21.22 -15.73
CA ALA B 55 3.65 -19.88 -15.63
C ALA B 55 2.73 -18.95 -14.82
N PHE B 56 1.41 -19.11 -14.98
CA PHE B 56 0.41 -18.35 -14.25
C PHE B 56 0.52 -18.73 -12.78
N LYS B 57 0.46 -20.05 -12.47
CA LYS B 57 0.57 -20.57 -11.11
C LYS B 57 1.84 -20.11 -10.42
N ASN B 58 2.99 -20.17 -11.12
CA ASN B 58 4.28 -19.75 -10.58
C ASN B 58 4.31 -18.26 -10.24
N GLU B 59 3.68 -17.42 -11.11
CA GLU B 59 3.63 -15.97 -10.93
C GLU B 59 2.76 -15.59 -9.73
N VAL B 60 1.65 -16.33 -9.54
CA VAL B 60 0.76 -16.10 -8.40
C VAL B 60 1.48 -16.58 -7.12
N GLY B 61 2.27 -17.63 -7.24
CA GLY B 61 3.03 -18.22 -6.12
C GLY B 61 4.01 -17.24 -5.51
N VAL B 62 4.66 -16.42 -6.37
CA VAL B 62 5.63 -15.39 -6.00
C VAL B 62 4.88 -14.18 -5.42
N LEU B 63 3.91 -13.67 -6.20
CA LEU B 63 3.15 -12.48 -5.87
C LEU B 63 2.40 -12.58 -4.56
N ARG B 64 1.72 -13.72 -4.30
CA ARG B 64 0.93 -13.95 -3.08
C ARG B 64 1.76 -13.93 -1.79
N LYS B 65 3.08 -14.07 -1.92
CA LYS B 65 4.05 -14.10 -0.86
C LYS B 65 4.44 -12.67 -0.42
N THR B 66 4.04 -11.63 -1.19
CA THR B 66 4.46 -10.24 -0.98
C THR B 66 3.39 -9.30 -0.40
N ARG B 67 3.79 -8.57 0.68
CA ARG B 67 2.97 -7.57 1.37
C ARG B 67 3.94 -6.52 1.89
N HIS B 68 4.34 -5.62 1.02
CA HIS B 68 5.30 -4.57 1.31
C HIS B 68 4.92 -3.36 0.51
N VAL B 69 5.09 -2.17 1.09
CA VAL B 69 4.74 -0.89 0.46
C VAL B 69 5.59 -0.58 -0.77
N ASN B 70 6.79 -1.11 -0.84
CA ASN B 70 7.68 -0.83 -1.97
C ASN B 70 7.56 -1.89 -3.07
N ILE B 71 6.60 -2.83 -2.94
CA ILE B 71 6.32 -3.87 -3.92
C ILE B 71 4.90 -3.65 -4.52
N LEU B 72 4.79 -3.71 -5.86
CA LEU B 72 3.51 -3.54 -6.55
C LEU B 72 2.50 -4.44 -5.85
N LEU B 73 1.33 -3.88 -5.46
CA LEU B 73 0.36 -4.66 -4.68
C LEU B 73 -0.41 -5.70 -5.48
N PHE B 74 -0.12 -6.98 -5.24
CA PHE B 74 -0.88 -8.11 -5.81
C PHE B 74 -2.25 -8.07 -5.10
N MET B 75 -3.35 -8.20 -5.87
CA MET B 75 -4.71 -8.14 -5.30
C MET B 75 -5.48 -9.46 -5.38
N GLY B 76 -5.20 -10.25 -6.40
CA GLY B 76 -5.85 -11.52 -6.61
C GLY B 76 -5.69 -12.05 -8.01
N TYR B 77 -6.33 -13.18 -8.28
CA TYR B 77 -6.32 -13.83 -9.57
C TYR B 77 -7.68 -14.40 -9.89
N SER B 78 -7.93 -14.61 -11.18
CA SER B 78 -9.12 -15.26 -11.70
C SER B 78 -8.71 -16.29 -12.72
N THR B 79 -9.54 -17.34 -12.89
CA THR B 79 -9.32 -18.40 -13.86
C THR B 79 -10.50 -18.50 -14.80
N LYS B 80 -11.62 -17.80 -14.48
CA LYS B 80 -12.88 -17.79 -15.23
C LYS B 80 -13.38 -16.32 -15.52
N PRO B 81 -13.59 -15.92 -16.81
CA PRO B 81 -13.46 -16.71 -18.04
C PRO B 81 -12.04 -16.97 -18.47
N GLN B 82 -11.11 -16.07 -18.14
CA GLN B 82 -9.71 -16.21 -18.52
C GLN B 82 -8.76 -16.11 -17.34
N LEU B 83 -7.53 -16.64 -17.50
CA LEU B 83 -6.48 -16.57 -16.50
C LEU B 83 -6.08 -15.10 -16.37
N ALA B 84 -6.25 -14.52 -15.17
CA ALA B 84 -5.95 -13.11 -14.91
C ALA B 84 -5.29 -12.88 -13.55
N ILE B 85 -4.28 -11.99 -13.52
CA ILE B 85 -3.60 -11.55 -12.30
C ILE B 85 -3.91 -10.07 -12.15
N VAL B 86 -4.46 -9.68 -10.98
CA VAL B 86 -4.89 -8.32 -10.66
C VAL B 86 -3.93 -7.70 -9.65
N THR B 87 -3.48 -6.47 -9.93
CA THR B 87 -2.65 -5.68 -9.01
C THR B 87 -3.27 -4.30 -8.92
N GLN B 88 -2.75 -3.45 -8.03
CA GLN B 88 -3.15 -2.06 -7.89
C GLN B 88 -2.82 -1.30 -9.17
N TRP B 89 -3.46 -0.13 -9.33
CA TRP B 89 -3.23 0.78 -10.44
C TRP B 89 -2.46 1.95 -9.89
N CYS B 90 -1.25 2.17 -10.38
CA CYS B 90 -0.39 3.25 -9.90
C CYS B 90 -0.61 4.60 -10.59
N GLU B 91 -0.24 5.69 -9.89
CA GLU B 91 -0.31 7.05 -10.43
C GLU B 91 1.10 7.60 -10.62
N GLY B 92 1.41 7.99 -11.84
CA GLY B 92 2.71 8.56 -12.21
C GLY B 92 3.35 7.83 -13.36
N SER B 93 4.69 7.70 -13.31
CA SER B 93 5.45 6.97 -14.32
C SER B 93 6.61 6.24 -13.70
N SER B 94 7.25 5.37 -14.50
CA SER B 94 8.43 4.61 -14.09
C SER B 94 9.60 5.56 -13.82
N LEU B 95 10.62 5.07 -13.11
CA LEU B 95 11.84 5.83 -12.86
C LEU B 95 12.57 6.10 -14.19
N TYR B 96 12.51 5.10 -15.12
CA TYR B 96 13.09 5.19 -16.47
C TYR B 96 12.52 6.40 -17.21
N HIS B 97 11.18 6.57 -17.19
CA HIS B 97 10.46 7.70 -17.79
C HIS B 97 10.96 9.04 -17.23
N HIS B 98 11.01 9.15 -15.90
CA HIS B 98 11.49 10.34 -15.18
C HIS B 98 12.91 10.69 -15.56
N LEU B 99 13.85 9.76 -15.39
CA LEU B 99 15.28 9.96 -15.68
C LEU B 99 15.68 10.12 -17.14
N HIS B 100 15.12 9.29 -18.04
CA HIS B 100 15.55 9.22 -19.42
C HIS B 100 14.61 9.78 -20.46
N ILE B 101 13.33 9.94 -20.17
CA ILE B 101 12.46 10.48 -21.21
C ILE B 101 11.99 11.91 -20.88
N ILE B 102 11.39 12.14 -19.69
CA ILE B 102 10.93 13.49 -19.38
C ILE B 102 12.00 14.29 -18.63
N GLU B 103 13.15 13.67 -18.36
CA GLU B 103 14.33 14.27 -17.70
C GLU B 103 13.97 15.09 -16.46
N THR B 104 13.26 14.45 -15.49
CA THR B 104 12.89 15.07 -14.22
C THR B 104 14.19 15.30 -13.45
N LYS B 105 14.40 16.53 -12.98
CA LYS B 105 15.64 16.85 -12.25
C LYS B 105 15.33 16.79 -10.77
N PHE B 106 15.47 15.59 -10.16
CA PHE B 106 15.20 15.39 -8.74
C PHE B 106 16.38 15.89 -7.94
N GLU B 107 16.12 16.46 -6.75
CA GLU B 107 17.16 16.87 -5.80
C GLU B 107 17.85 15.60 -5.25
N MET B 108 19.11 15.74 -4.83
CA MET B 108 19.94 14.66 -4.27
C MET B 108 19.25 13.90 -3.12
N ILE B 109 18.58 14.61 -2.20
CA ILE B 109 17.85 13.99 -1.08
C ILE B 109 16.77 13.03 -1.60
N LYS B 110 16.06 13.43 -2.69
CA LYS B 110 14.98 12.66 -3.32
C LYS B 110 15.55 11.43 -4.04
N LEU B 111 16.74 11.59 -4.71
CA LEU B 111 17.42 10.50 -5.41
C LEU B 111 17.84 9.42 -4.43
N ILE B 112 18.45 9.82 -3.30
CA ILE B 112 18.89 8.92 -2.23
C ILE B 112 17.66 8.21 -1.66
N ASP B 113 16.52 8.93 -1.58
CA ASP B 113 15.27 8.34 -1.11
C ASP B 113 14.72 7.24 -2.06
N ILE B 114 14.79 7.48 -3.39
CA ILE B 114 14.35 6.51 -4.39
C ILE B 114 15.24 5.28 -4.25
N ALA B 115 16.59 5.50 -4.05
CA ALA B 115 17.56 4.43 -3.85
C ALA B 115 17.22 3.60 -2.60
N ARG B 116 16.93 4.27 -1.47
CA ARG B 116 16.58 3.63 -0.21
C ARG B 116 15.32 2.81 -0.36
N GLN B 117 14.28 3.34 -0.99
CA GLN B 117 13.03 2.63 -1.15
C GLN B 117 13.16 1.42 -2.06
N THR B 118 14.01 1.50 -3.11
CA THR B 118 14.27 0.38 -4.01
C THR B 118 15.00 -0.72 -3.24
N ALA B 119 16.01 -0.35 -2.42
CA ALA B 119 16.79 -1.28 -1.58
C ALA B 119 15.86 -1.92 -0.53
N GLN B 120 14.88 -1.17 0.03
CA GLN B 120 13.91 -1.73 1.00
C GLN B 120 13.03 -2.82 0.38
N GLY B 121 12.51 -2.54 -0.84
CA GLY B 121 11.72 -3.47 -1.62
C GLY B 121 12.52 -4.70 -2.01
N MET B 122 13.80 -4.52 -2.41
CA MET B 122 14.68 -5.61 -2.83
C MET B 122 15.07 -6.50 -1.65
N ASP B 123 15.35 -5.89 -0.50
CA ASP B 123 15.61 -6.58 0.77
C ASP B 123 14.38 -7.44 1.14
N TYR B 124 13.14 -6.89 0.98
CA TYR B 124 11.92 -7.64 1.27
C TYR B 124 11.83 -8.89 0.39
N LEU B 125 11.98 -8.71 -0.94
CA LEU B 125 11.93 -9.82 -1.90
C LEU B 125 12.96 -10.89 -1.55
N HIS B 126 14.22 -10.49 -1.28
CA HIS B 126 15.29 -11.43 -0.98
C HIS B 126 15.04 -12.21 0.30
N ALA B 127 14.48 -11.55 1.33
CA ALA B 127 14.09 -12.16 2.60
C ALA B 127 13.03 -13.27 2.38
N LYS B 128 12.11 -13.07 1.42
CA LYS B 128 11.06 -14.02 1.04
C LYS B 128 11.60 -15.04 0.02
N SER B 129 12.93 -14.99 -0.25
CA SER B 129 13.64 -15.85 -1.19
C SER B 129 13.17 -15.66 -2.67
N ILE B 130 12.79 -14.43 -3.02
CA ILE B 130 12.38 -14.04 -4.38
C ILE B 130 13.55 -13.32 -5.08
N ILE B 131 14.07 -13.89 -6.17
CA ILE B 131 15.08 -13.23 -7.00
C ILE B 131 14.24 -12.58 -8.09
N HIS B 132 14.34 -11.23 -8.24
CA HIS B 132 13.58 -10.47 -9.24
C HIS B 132 13.90 -10.96 -10.65
N ARG B 133 15.21 -11.00 -11.00
CA ARG B 133 15.78 -11.44 -12.29
C ARG B 133 15.67 -10.38 -13.40
N ASP B 134 14.99 -9.26 -13.17
CA ASP B 134 14.90 -8.22 -14.19
C ASP B 134 14.70 -6.83 -13.56
N LEU B 135 15.44 -6.51 -12.49
CA LEU B 135 15.38 -5.18 -11.90
C LEU B 135 16.05 -4.20 -12.86
N LYS B 136 15.37 -3.08 -13.11
CA LYS B 136 15.80 -2.00 -13.97
C LYS B 136 14.89 -0.85 -13.64
N SER B 137 15.25 0.37 -14.07
CA SER B 137 14.46 1.55 -13.75
C SER B 137 13.05 1.54 -14.35
N ASN B 138 12.79 0.74 -15.40
CA ASN B 138 11.45 0.63 -16.01
C ASN B 138 10.52 -0.17 -15.10
N ASN B 139 11.09 -1.01 -14.25
CA ASN B 139 10.37 -1.86 -13.32
C ASN B 139 10.24 -1.23 -11.95
N ILE B 140 10.62 0.06 -11.86
CA ILE B 140 10.53 0.84 -10.63
C ILE B 140 9.53 1.94 -10.88
N PHE B 141 8.32 1.80 -10.35
CA PHE B 141 7.30 2.81 -10.53
C PHE B 141 7.34 3.84 -9.40
N LEU B 142 7.24 5.14 -9.75
CA LEU B 142 7.23 6.22 -8.76
C LEU B 142 5.78 6.66 -8.50
N HIS B 143 5.09 5.85 -7.68
CA HIS B 143 3.70 6.03 -7.30
C HIS B 143 3.47 7.36 -6.57
N GLU B 144 2.60 8.22 -7.15
CA GLU B 144 2.24 9.57 -6.67
C GLU B 144 3.47 10.51 -6.69
N ASP B 145 4.56 10.07 -7.38
CA ASP B 145 5.86 10.75 -7.49
C ASP B 145 6.53 10.76 -6.11
N LEU B 146 6.25 9.71 -5.29
CA LEU B 146 6.74 9.62 -3.92
C LEU B 146 7.23 8.25 -3.52
N THR B 147 6.47 7.20 -3.85
CA THR B 147 6.74 5.84 -3.39
C THR B 147 7.12 4.90 -4.51
N VAL B 148 8.27 4.26 -4.33
CA VAL B 148 8.77 3.23 -5.23
C VAL B 148 7.90 2.00 -5.08
N LYS B 149 7.44 1.45 -6.21
CA LYS B 149 6.69 0.21 -6.30
C LYS B 149 7.47 -0.63 -7.30
N ILE B 150 8.09 -1.71 -6.83
CA ILE B 150 8.85 -2.62 -7.69
C ILE B 150 7.85 -3.70 -8.18
N GLY B 151 7.96 -4.02 -9.44
CA GLY B 151 7.18 -5.06 -10.08
C GLY B 151 7.91 -5.46 -11.33
N ASP B 152 7.28 -6.25 -12.17
CA ASP B 152 7.81 -6.60 -13.48
C ASP B 152 6.67 -6.17 -14.35
N PHE B 153 6.80 -4.93 -14.84
CA PHE B 153 5.84 -4.16 -15.61
C PHE B 153 5.81 -4.45 -17.11
N GLY B 154 6.46 -5.55 -17.56
CA GLY B 154 6.50 -5.98 -18.96
C GLY B 154 7.05 -4.97 -19.95
N SER B 174 17.06 -4.72 -21.21
CA SER B 174 17.45 -5.50 -20.04
C SER B 174 18.95 -5.86 -19.96
N ILE B 175 19.70 -5.83 -21.09
CA ILE B 175 21.14 -6.15 -21.05
C ILE B 175 21.97 -5.16 -20.20
N LEU B 176 21.52 -3.90 -20.07
CA LEU B 176 22.24 -2.86 -19.31
C LEU B 176 22.32 -3.12 -17.81
N TRP B 177 21.37 -3.87 -17.28
CA TRP B 177 21.30 -4.14 -15.84
C TRP B 177 21.84 -5.52 -15.52
N MET B 178 22.25 -6.26 -16.56
CA MET B 178 22.76 -7.61 -16.49
C MET B 178 24.21 -7.71 -16.02
N ALA B 179 24.38 -8.45 -14.91
CA ALA B 179 25.68 -8.78 -14.30
C ALA B 179 26.51 -9.60 -15.28
N PRO B 180 27.87 -9.46 -15.25
CA PRO B 180 28.73 -10.24 -16.18
C PRO B 180 28.39 -11.73 -16.31
N GLU B 181 28.09 -12.42 -15.21
CA GLU B 181 27.76 -13.85 -15.18
C GLU B 181 26.36 -14.15 -15.70
N VAL B 182 25.49 -13.15 -15.73
CA VAL B 182 24.15 -13.36 -16.29
C VAL B 182 24.27 -13.22 -17.82
N ILE B 183 25.05 -12.21 -18.30
CA ILE B 183 25.26 -11.89 -19.70
C ILE B 183 25.97 -13.06 -20.44
N ARG B 184 26.63 -13.97 -19.71
CA ARG B 184 27.29 -15.17 -20.26
C ARG B 184 26.38 -16.45 -20.12
N MET B 185 26.86 -17.61 -20.63
CA MET B 185 26.09 -18.85 -20.56
C MET B 185 26.04 -19.43 -19.14
N ASN B 189 21.81 -21.95 -14.13
CA ASN B 189 21.17 -20.70 -13.69
C ASN B 189 22.19 -19.70 -13.05
N PRO B 190 22.43 -18.54 -13.72
CA PRO B 190 23.40 -17.57 -13.18
C PRO B 190 22.75 -16.45 -12.33
N TYR B 191 21.45 -16.56 -12.05
CA TYR B 191 20.69 -15.62 -11.24
C TYR B 191 20.84 -15.92 -9.76
N SER B 192 21.02 -14.85 -8.97
CA SER B 192 21.20 -14.89 -7.52
C SER B 192 20.84 -13.54 -6.92
N PHE B 193 20.93 -13.47 -5.60
CA PHE B 193 20.71 -12.23 -4.87
C PHE B 193 21.72 -11.20 -5.34
N GLN B 194 22.96 -11.65 -5.59
CA GLN B 194 24.07 -10.81 -6.07
C GLN B 194 23.88 -10.27 -7.48
N SER B 195 23.25 -11.04 -8.39
CA SER B 195 22.97 -10.53 -9.73
C SER B 195 21.91 -9.43 -9.67
N ASP B 196 20.96 -9.48 -8.68
CA ASP B 196 19.93 -8.42 -8.45
C ASP B 196 20.62 -7.17 -7.93
N VAL B 197 21.60 -7.36 -7.02
CA VAL B 197 22.46 -6.30 -6.46
C VAL B 197 23.21 -5.56 -7.60
N TYR B 198 23.75 -6.29 -8.58
CA TYR B 198 24.41 -5.65 -9.72
C TYR B 198 23.42 -4.72 -10.45
N ALA B 199 22.22 -5.23 -10.80
CA ALA B 199 21.14 -4.44 -11.43
C ALA B 199 20.79 -3.20 -10.58
N PHE B 200 20.79 -3.35 -9.23
CA PHE B 200 20.57 -2.25 -8.29
C PHE B 200 21.70 -1.20 -8.40
N GLY B 201 22.93 -1.69 -8.59
CA GLY B 201 24.11 -0.86 -8.80
C GLY B 201 23.98 0.01 -10.04
N ILE B 202 23.37 -0.53 -11.14
CA ILE B 202 23.09 0.19 -12.41
C ILE B 202 22.00 1.24 -12.22
N VAL B 203 20.99 0.93 -11.37
CA VAL B 203 19.92 1.85 -11.02
C VAL B 203 20.53 3.04 -10.28
N LEU B 204 21.47 2.78 -9.33
CA LEU B 204 22.17 3.86 -8.62
C LEU B 204 22.93 4.70 -9.62
N TYR B 205 23.55 4.04 -10.63
CA TYR B 205 24.28 4.73 -11.69
C TYR B 205 23.31 5.68 -12.45
N GLU B 206 22.12 5.19 -12.82
CA GLU B 206 21.08 5.95 -13.50
C GLU B 206 20.63 7.16 -12.66
N LEU B 207 20.44 6.96 -11.34
CA LEU B 207 19.99 8.01 -10.42
C LEU B 207 21.04 9.10 -10.29
N MET B 208 22.31 8.69 -10.09
CA MET B 208 23.44 9.60 -9.86
C MET B 208 24.03 10.26 -11.12
N THR B 209 23.70 9.77 -12.32
CA THR B 209 24.22 10.35 -13.57
C THR B 209 23.09 10.86 -14.47
N GLY B 210 21.87 10.36 -14.27
CA GLY B 210 20.67 10.68 -15.04
C GLY B 210 20.68 10.01 -16.40
N GLN B 211 21.70 9.17 -16.63
CA GLN B 211 21.96 8.49 -17.89
C GLN B 211 21.97 7.00 -17.78
N LEU B 212 21.90 6.32 -18.94
CA LEU B 212 22.02 4.88 -19.04
C LEU B 212 23.52 4.58 -19.27
N PRO B 213 24.06 3.43 -18.77
CA PRO B 213 25.49 3.14 -19.01
C PRO B 213 25.75 2.78 -20.47
N TYR B 214 26.99 2.97 -20.92
CA TYR B 214 27.48 2.60 -22.27
C TYR B 214 26.79 3.33 -23.41
N SER B 215 26.37 4.57 -23.16
CA SER B 215 25.70 5.43 -24.12
C SER B 215 26.55 5.76 -25.37
N ASN B 216 27.91 5.59 -25.27
CA ASN B 216 28.83 5.86 -26.38
C ASN B 216 29.12 4.63 -27.24
N ILE B 217 28.44 3.51 -26.97
CA ILE B 217 28.56 2.27 -27.74
C ILE B 217 27.22 2.02 -28.42
N ASN B 218 27.22 1.91 -29.75
CA ASN B 218 26.02 1.72 -30.56
C ASN B 218 25.77 0.25 -30.97
N ASN B 219 26.52 -0.70 -30.39
CA ASN B 219 26.40 -2.10 -30.77
C ASN B 219 26.05 -2.98 -29.59
N ARG B 220 24.85 -3.56 -29.64
CA ARG B 220 24.31 -4.44 -28.60
C ARG B 220 25.20 -5.65 -28.30
N ASP B 221 25.58 -6.42 -29.34
CA ASP B 221 26.43 -7.61 -29.22
C ASP B 221 27.78 -7.28 -28.61
N GLN B 222 28.35 -6.13 -28.98
CA GLN B 222 29.63 -5.68 -28.44
C GLN B 222 29.52 -5.34 -26.95
N ILE B 223 28.40 -4.73 -26.52
CA ILE B 223 28.18 -4.45 -25.10
C ILE B 223 28.13 -5.79 -24.33
N ILE B 224 27.35 -6.75 -24.84
CA ILE B 224 27.17 -8.08 -24.28
C ILE B 224 28.52 -8.76 -24.13
N PHE B 225 29.30 -8.81 -25.21
CA PHE B 225 30.61 -9.41 -25.20
C PHE B 225 31.58 -8.78 -24.17
N MET B 226 31.64 -7.44 -24.13
CA MET B 226 32.58 -6.71 -23.29
C MET B 226 32.26 -6.72 -21.79
N VAL B 227 30.96 -6.58 -21.43
CA VAL B 227 30.54 -6.62 -20.03
C VAL B 227 30.87 -8.02 -19.49
N GLY B 228 30.48 -9.04 -20.26
CA GLY B 228 30.72 -10.46 -19.97
C GLY B 228 32.18 -10.82 -19.74
N ARG B 229 33.08 -10.22 -20.55
CA ARG B 229 34.52 -10.48 -20.42
C ARG B 229 35.18 -9.59 -19.37
N GLY B 230 34.44 -8.60 -18.85
CA GLY B 230 34.93 -7.67 -17.84
C GLY B 230 35.78 -6.56 -18.43
N TYR B 231 35.65 -6.32 -19.75
CA TYR B 231 36.41 -5.29 -20.48
C TYR B 231 35.77 -3.93 -20.37
N LEU B 232 34.45 -3.91 -20.24
CA LEU B 232 33.61 -2.74 -20.19
C LEU B 232 32.86 -2.74 -18.88
N SER B 233 32.81 -1.59 -18.26
CA SER B 233 32.23 -1.42 -16.94
C SER B 233 31.61 -0.01 -16.90
N PRO B 234 30.58 0.28 -16.08
CA PRO B 234 30.01 1.66 -16.09
C PRO B 234 31.03 2.70 -15.64
N ASP B 235 31.07 3.87 -16.33
CA ASP B 235 32.00 4.98 -16.07
C ASP B 235 31.52 5.80 -14.87
N LEU B 236 32.09 5.53 -13.69
CA LEU B 236 31.66 6.15 -12.45
C LEU B 236 32.08 7.61 -12.30
N SER B 237 33.02 8.10 -13.14
CA SER B 237 33.48 9.49 -13.18
C SER B 237 32.35 10.44 -13.64
N LYS B 238 31.25 9.88 -14.16
CA LYS B 238 30.08 10.59 -14.65
C LYS B 238 29.08 10.96 -13.55
N VAL B 239 29.25 10.43 -12.31
CA VAL B 239 28.31 10.71 -11.22
C VAL B 239 28.37 12.20 -10.81
N ARG B 240 27.18 12.79 -10.57
CA ARG B 240 26.95 14.19 -10.13
C ARG B 240 27.98 14.63 -9.08
N SER B 241 28.33 15.93 -9.09
CA SER B 241 29.30 16.50 -8.13
C SER B 241 28.84 16.39 -6.67
N ASN B 242 27.51 16.58 -6.46
CA ASN B 242 26.84 16.52 -5.16
C ASN B 242 26.52 15.09 -4.69
N CYS B 243 26.94 14.08 -5.47
CA CYS B 243 26.74 12.68 -5.08
C CYS B 243 27.72 12.34 -3.95
N PRO B 244 27.19 11.95 -2.76
CA PRO B 244 28.08 11.60 -1.63
C PRO B 244 29.15 10.55 -1.95
N LYS B 245 30.37 10.72 -1.39
CA LYS B 245 31.51 9.82 -1.55
C LYS B 245 31.07 8.38 -1.20
N ALA B 246 30.27 8.21 -0.12
CA ALA B 246 29.75 6.95 0.35
C ALA B 246 28.83 6.29 -0.67
N MET B 247 28.04 7.10 -1.40
CA MET B 247 27.14 6.61 -2.44
C MET B 247 27.94 6.05 -3.62
N LYS B 248 28.99 6.78 -4.06
CA LYS B 248 29.87 6.34 -5.14
C LYS B 248 30.54 5.01 -4.77
N ARG B 249 30.99 4.88 -3.50
CA ARG B 249 31.64 3.67 -2.96
C ARG B 249 30.69 2.47 -2.97
N LEU B 250 29.42 2.67 -2.56
CA LEU B 250 28.37 1.64 -2.56
C LEU B 250 28.06 1.15 -3.96
N MET B 251 27.95 2.09 -4.92
CA MET B 251 27.69 1.82 -6.34
C MET B 251 28.79 0.89 -6.91
N ALA B 252 30.07 1.23 -6.65
CA ALA B 252 31.23 0.46 -7.11
C ALA B 252 31.22 -0.94 -6.52
N GLU B 253 30.84 -1.08 -5.24
CA GLU B 253 30.73 -2.31 -4.49
C GLU B 253 29.66 -3.22 -5.12
N CYS B 254 28.46 -2.65 -5.45
CA CYS B 254 27.36 -3.36 -6.09
C CYS B 254 27.70 -3.83 -7.50
N LEU B 255 28.60 -3.09 -8.19
CA LEU B 255 28.97 -3.35 -9.57
C LEU B 255 30.19 -4.24 -9.76
N LYS B 256 30.71 -4.79 -8.65
CA LYS B 256 31.88 -5.69 -8.61
C LYS B 256 31.70 -6.90 -9.52
N LYS B 257 32.69 -7.13 -10.41
CA LYS B 257 32.69 -8.24 -11.37
C LYS B 257 32.57 -9.62 -10.68
N LYS B 258 33.17 -9.76 -9.49
CA LYS B 258 33.12 -10.96 -8.64
C LYS B 258 31.80 -10.87 -7.83
N ARG B 259 30.81 -11.73 -8.14
CA ARG B 259 29.50 -11.70 -7.51
C ARG B 259 29.54 -11.91 -5.99
N ASP B 260 30.50 -12.68 -5.48
CA ASP B 260 30.64 -12.93 -4.03
C ASP B 260 31.12 -11.68 -3.28
N GLU B 261 31.75 -10.74 -4.01
CA GLU B 261 32.31 -9.49 -3.49
C GLU B 261 31.24 -8.40 -3.37
N ARG B 262 30.04 -8.67 -3.87
CA ARG B 262 28.92 -7.72 -3.87
C ARG B 262 28.18 -7.70 -2.54
N PRO B 263 27.86 -6.51 -1.98
CA PRO B 263 27.13 -6.48 -0.68
C PRO B 263 25.70 -6.96 -0.87
N LEU B 264 25.10 -7.49 0.20
CA LEU B 264 23.71 -7.92 0.12
C LEU B 264 22.81 -6.77 0.56
N PHE B 265 21.50 -6.87 0.29
CA PHE B 265 20.58 -5.77 0.54
C PHE B 265 20.51 -5.32 2.01
N PRO B 266 20.59 -6.19 3.08
CA PRO B 266 20.64 -5.65 4.46
C PRO B 266 21.80 -4.66 4.68
N GLN B 267 22.97 -4.94 4.07
CA GLN B 267 24.16 -4.10 4.13
C GLN B 267 23.96 -2.87 3.25
N ILE B 268 23.41 -3.04 2.02
CA ILE B 268 23.17 -1.92 1.12
C ILE B 268 22.28 -0.86 1.79
N LEU B 269 21.17 -1.31 2.35
CA LEU B 269 20.15 -0.51 3.03
C LEU B 269 20.73 0.22 4.26
N ALA B 270 21.58 -0.45 5.03
CA ALA B 270 22.28 0.15 6.17
C ALA B 270 23.26 1.25 5.70
N SER B 271 23.91 1.05 4.54
CA SER B 271 24.84 2.03 3.95
C SER B 271 24.06 3.26 3.47
N ILE B 272 22.90 3.05 2.82
CA ILE B 272 22.04 4.15 2.33
C ILE B 272 21.47 4.95 3.48
N GLU B 273 20.95 4.27 4.52
CA GLU B 273 20.38 4.92 5.71
C GLU B 273 21.43 5.71 6.52
N LEU B 274 22.70 5.29 6.50
CA LEU B 274 23.79 6.00 7.20
C LEU B 274 24.14 7.31 6.48
N LEU B 275 24.38 7.25 5.14
CA LEU B 275 24.73 8.43 4.33
C LEU B 275 23.55 9.42 4.24
N ALA B 276 22.30 8.93 4.42
CA ALA B 276 21.08 9.76 4.39
C ALA B 276 21.06 10.76 5.54
N ARG B 277 21.76 10.43 6.65
CA ARG B 277 21.88 11.28 7.84
C ARG B 277 23.11 12.18 7.68
N SER B 278 23.16 12.99 6.60
CA SER B 278 24.28 13.90 6.27
C SER B 278 23.86 15.05 5.35
#